data_6RP5
#
_entry.id   6RP5
#
_cell.length_a   91.702
_cell.length_b   91.702
_cell.length_c   168.716
_cell.angle_alpha   90.00
_cell.angle_beta   90.00
_cell.angle_gamma   120.00
#
_symmetry.space_group_name_H-M   'P 61 2 2'
#
loop_
_entity.id
_entity.type
_entity.pdbx_description
1 polymer 'Hemoglobin subunit alpha 1'
2 polymer 'Hemoglobin subunit beta-1'
3 non-polymer 'CARBON MONOXIDE'
4 non-polymer 'PROTOPORPHYRIN IX CONTAINING FE'
5 non-polymer 'SULFATE ION'
6 non-polymer DITHIONITE
7 water water
#
loop_
_entity_poly.entity_id
_entity_poly.type
_entity_poly.pdbx_seq_one_letter_code
_entity_poly.pdbx_strand_id
1 'polypeptide(L)'
;(ACE)SLSDKDKAAVKLLWSKISKSSDAIGNDALSRMIVVYPQTKTYFAHWPDLSPGSPHVKAHGKTVMGGIALAVSKID
DLRAGLLDLSEQHAYKLRVDPANFKILSHCILVVISMMFPKEFTPEAHVSLDKFLSGVSLALSERYR
;
A
2 'polypeptide(L)'
;VEWTDQERATISSIFGSLDYDDIGPKALSRCLIVYPWTQRHFGSFGNLYNAEAIIGNQKVAAHGIKVLHGLDRAVKNMDN
IKEIYAELSILHSEKLHVDPDNFKLLADCLTIVVAAKMGSGFNPGTQATFQKFLAVVVSALGKQ
;
B
#
# COMPACT_ATOMS: atom_id res chain seq x y z
N SER A 2 3.99 15.29 -10.89
CA SER A 2 5.40 15.67 -10.87
C SER A 2 5.92 15.81 -9.45
N LEU A 3 7.24 15.53 -9.25
CA LEU A 3 7.91 15.57 -8.00
C LEU A 3 8.48 16.98 -7.80
N SER A 4 8.16 17.51 -6.64
CA SER A 4 8.67 18.77 -6.17
C SER A 4 10.10 18.60 -5.69
N ASP A 5 10.80 19.71 -5.45
CA ASP A 5 12.13 19.60 -4.90
C ASP A 5 12.11 18.99 -3.49
N LYS A 6 11.06 19.26 -2.70
CA LYS A 6 10.91 18.63 -1.37
C LYS A 6 10.73 17.12 -1.54
N ASP A 7 9.92 16.74 -2.55
CA ASP A 7 9.70 15.29 -2.78
C ASP A 7 10.99 14.57 -3.15
N LYS A 8 11.78 15.18 -4.03
CA LYS A 8 13.01 14.59 -4.51
C LYS A 8 13.99 14.48 -3.33
N ALA A 9 14.04 15.53 -2.49
CA ALA A 9 14.86 15.48 -1.28
C ALA A 9 14.44 14.34 -0.34
N ALA A 10 13.11 14.22 -0.12
CA ALA A 10 12.56 13.20 0.73
C ALA A 10 12.91 11.76 0.23
N VAL A 11 12.79 11.56 -1.07
CA VAL A 11 13.09 10.26 -1.69
C VAL A 11 14.59 9.90 -1.53
N LYS A 12 15.45 10.85 -1.87
CA LYS A 12 16.89 10.71 -1.62
C LYS A 12 17.28 10.44 -0.20
N LEU A 13 16.66 11.12 0.76
CA LEU A 13 16.92 10.90 2.16
C LEU A 13 16.47 9.52 2.64
N LEU A 14 15.26 9.10 2.23
CA LEU A 14 14.82 7.79 2.62
C LEU A 14 15.72 6.74 2.00
N TRP A 15 16.07 6.95 0.73
CA TRP A 15 16.89 5.98 0.01
C TRP A 15 18.29 5.82 0.67
N SER A 16 18.80 6.96 1.16
CA SER A 16 20.09 6.94 1.91
C SER A 16 20.01 6.07 3.18
N LYS A 17 18.86 6.00 3.84
CA LYS A 17 18.61 5.20 4.97
C LYS A 17 18.34 3.75 4.67
N ILE A 18 17.72 3.45 3.54
CA ILE A 18 17.34 2.09 3.26
C ILE A 18 18.17 1.34 2.22
N SER A 19 18.96 2.03 1.40
CA SER A 19 19.63 1.37 0.29
C SER A 19 20.52 0.19 0.71
N LYS A 20 21.11 0.22 1.92
CA LYS A 20 21.93 -0.89 2.40
C LYS A 20 21.14 -2.19 2.60
N SER A 21 19.80 -2.10 2.80
CA SER A 21 18.96 -3.27 2.92
C SER A 21 18.19 -3.53 1.61
N SER A 22 18.66 -3.02 0.48
CA SER A 22 17.85 -3.05 -0.73
C SER A 22 17.72 -4.48 -1.26
N ASP A 23 18.70 -5.37 -1.12
CA ASP A 23 18.46 -6.77 -1.58
C ASP A 23 17.30 -7.41 -0.82
N ALA A 24 17.27 -7.22 0.51
CA ALA A 24 16.26 -7.79 1.37
C ALA A 24 14.86 -7.20 1.08
N ILE A 25 14.84 -5.92 0.80
CA ILE A 25 13.60 -5.20 0.47
C ILE A 25 13.04 -5.80 -0.80
N GLY A 26 13.87 -5.97 -1.77
CA GLY A 26 13.44 -6.49 -3.05
C GLY A 26 12.92 -7.90 -3.00
N ASN A 27 13.66 -8.78 -2.30
CA ASN A 27 13.21 -10.15 -2.12
C ASN A 27 11.90 -10.20 -1.39
N ASP A 28 11.77 -9.44 -0.36
CA ASP A 28 10.54 -9.47 0.52
C ASP A 28 9.35 -8.97 -0.37
N ALA A 29 9.58 -7.92 -1.16
CA ALA A 29 8.46 -7.35 -1.98
C ALA A 29 8.02 -8.29 -3.05
N LEU A 30 8.98 -8.92 -3.74
CA LEU A 30 8.63 -9.87 -4.77
C LEU A 30 7.89 -11.12 -4.22
N SER A 31 8.41 -11.67 -3.13
CA SER A 31 7.78 -12.79 -2.48
C SER A 31 6.39 -12.52 -2.04
N ARG A 32 6.09 -11.39 -1.44
CA ARG A 32 4.71 -11.13 -1.06
C ARG A 32 3.86 -10.82 -2.24
N MET A 33 4.41 -10.17 -3.28
CA MET A 33 3.58 -9.92 -4.45
C MET A 33 3.01 -11.22 -5.04
N ILE A 34 3.88 -12.23 -5.23
CA ILE A 34 3.48 -13.45 -5.88
C ILE A 34 2.48 -14.28 -5.08
N VAL A 35 2.44 -14.08 -3.78
CA VAL A 35 1.44 -14.71 -2.88
C VAL A 35 0.14 -13.93 -2.85
N VAL A 36 0.25 -12.62 -2.65
CA VAL A 36 -0.94 -11.79 -2.45
C VAL A 36 -1.71 -11.60 -3.79
N TYR A 37 -0.93 -11.56 -4.87
CA TYR A 37 -1.42 -11.26 -6.21
C TYR A 37 -1.00 -12.39 -7.07
N PRO A 38 -1.70 -13.55 -7.02
CA PRO A 38 -1.17 -14.73 -7.62
C PRO A 38 -1.06 -14.74 -9.14
N GLN A 39 -1.71 -13.75 -9.81
CA GLN A 39 -1.52 -13.58 -11.22
C GLN A 39 -0.07 -13.26 -11.58
N THR A 40 0.67 -12.84 -10.61
CA THR A 40 2.07 -12.54 -10.81
C THR A 40 3.06 -13.68 -10.67
N LYS A 41 2.62 -14.83 -10.12
CA LYS A 41 3.51 -15.93 -9.90
CA LYS A 41 3.45 -16.01 -9.94
C LYS A 41 4.14 -16.37 -11.25
N THR A 42 3.38 -16.26 -12.34
CA THR A 42 3.92 -16.68 -13.61
C THR A 42 5.18 -15.97 -14.03
N TYR A 43 5.36 -14.78 -13.52
CA TYR A 43 6.54 -13.96 -13.87
C TYR A 43 7.74 -14.40 -13.10
N PHE A 44 7.58 -15.07 -11.95
CA PHE A 44 8.71 -15.38 -11.09
C PHE A 44 8.84 -16.84 -10.71
N ALA A 45 8.03 -17.67 -11.35
CA ALA A 45 8.14 -19.12 -11.12
C ALA A 45 9.52 -19.69 -11.44
N HIS A 46 10.26 -18.98 -12.31
CA HIS A 46 11.61 -19.36 -12.72
C HIS A 46 12.68 -19.07 -11.64
N TRP A 47 12.27 -18.40 -10.57
CA TRP A 47 13.06 -18.00 -9.38
C TRP A 47 12.43 -18.63 -8.13
N PRO A 48 12.61 -19.94 -7.98
CA PRO A 48 11.91 -20.63 -6.88
C PRO A 48 12.39 -20.24 -5.49
N ASP A 49 13.49 -19.53 -5.40
CA ASP A 49 14.02 -18.93 -4.17
C ASP A 49 13.02 -17.98 -3.54
N LEU A 50 12.07 -17.43 -4.32
CA LEU A 50 11.11 -16.48 -3.79
C LEU A 50 10.00 -17.13 -2.98
N SER A 51 9.92 -18.45 -3.02
CA SER A 51 8.94 -19.19 -2.19
CA SER A 51 8.93 -19.18 -2.18
C SER A 51 9.27 -18.91 -0.71
N PRO A 52 8.27 -18.58 0.13
CA PRO A 52 8.60 -18.36 1.54
C PRO A 52 9.31 -19.57 2.13
N GLY A 53 10.33 -19.27 2.88
CA GLY A 53 11.11 -20.27 3.59
C GLY A 53 12.36 -20.67 2.86
N SER A 54 12.47 -20.32 1.58
CA SER A 54 13.62 -20.76 0.73
C SER A 54 14.74 -19.74 0.91
N PRO A 55 16.01 -20.24 0.69
CA PRO A 55 17.11 -19.33 0.90
C PRO A 55 17.09 -18.13 -0.09
N HIS A 56 17.44 -16.98 0.42
CA HIS A 56 17.31 -15.72 -0.29
C HIS A 56 18.49 -15.59 -1.24
N VAL A 57 18.23 -15.14 -2.46
CA VAL A 57 19.25 -14.90 -3.48
C VAL A 57 19.38 -13.37 -3.54
N LYS A 58 20.50 -12.86 -3.05
CA LYS A 58 20.67 -11.43 -2.95
C LYS A 58 20.53 -10.77 -4.32
N ALA A 59 21.02 -11.42 -5.35
CA ALA A 59 20.96 -10.86 -6.69
C ALA A 59 19.53 -10.67 -7.24
N HIS A 60 18.59 -11.48 -6.75
CA HIS A 60 17.18 -11.36 -7.18
C HIS A 60 16.54 -10.13 -6.59
N GLY A 61 16.71 -9.85 -5.31
CA GLY A 61 16.29 -8.65 -4.70
C GLY A 61 16.95 -7.40 -5.26
N LYS A 62 18.23 -7.57 -5.59
CA LYS A 62 19.09 -6.45 -6.09
C LYS A 62 18.62 -6.08 -7.50
N THR A 63 18.05 -7.02 -8.24
CA THR A 63 17.51 -6.76 -9.57
C THR A 63 16.45 -5.65 -9.57
N VAL A 64 15.41 -5.87 -8.81
CA VAL A 64 14.35 -4.92 -8.74
C VAL A 64 14.74 -3.62 -8.04
N MET A 65 15.49 -3.74 -6.96
CA MET A 65 15.86 -2.53 -6.17
C MET A 65 16.95 -1.77 -6.89
N GLY A 66 17.66 -2.42 -7.80
CA GLY A 66 18.61 -1.76 -8.68
C GLY A 66 17.90 -0.87 -9.67
N GLY A 67 16.69 -1.25 -10.04
CA GLY A 67 15.88 -0.40 -10.85
C GLY A 67 15.39 0.83 -10.14
N ILE A 68 15.00 0.61 -8.88
CA ILE A 68 14.62 1.73 -8.02
C ILE A 68 15.86 2.68 -7.78
N ALA A 69 17.04 2.10 -7.59
CA ALA A 69 18.28 2.90 -7.38
C ALA A 69 18.53 3.71 -8.63
N LEU A 70 18.34 3.10 -9.80
CA LEU A 70 18.48 3.82 -11.07
C LEU A 70 17.52 5.02 -11.14
N ALA A 71 16.25 4.74 -10.79
CA ALA A 71 15.26 5.75 -10.77
C ALA A 71 15.58 6.92 -9.83
N VAL A 72 16.18 6.64 -8.66
CA VAL A 72 16.61 7.68 -7.70
C VAL A 72 17.70 8.55 -8.34
N SER A 73 18.62 7.89 -9.06
CA SER A 73 19.69 8.68 -9.74
C SER A 73 19.17 9.50 -10.93
N LYS A 74 18.08 9.04 -11.58
CA LYS A 74 17.46 9.68 -12.72
C LYS A 74 16.11 10.37 -12.35
N ILE A 75 16.04 10.78 -11.11
CA ILE A 75 14.77 11.28 -10.52
C ILE A 75 14.30 12.60 -11.18
N ASP A 76 15.24 13.35 -11.79
CA ASP A 76 14.84 14.56 -12.60
C ASP A 76 14.23 14.24 -13.98
N ASP A 77 14.35 13.01 -14.47
CA ASP A 77 13.78 12.67 -15.75
C ASP A 77 13.60 11.14 -15.84
N LEU A 78 12.53 10.73 -15.15
CA LEU A 78 12.26 9.29 -15.05
C LEU A 78 11.91 8.64 -16.36
N ARG A 79 11.16 9.35 -17.23
CA ARG A 79 10.78 8.75 -18.52
C ARG A 79 12.02 8.39 -19.32
N ALA A 80 12.95 9.33 -19.42
CA ALA A 80 14.20 9.02 -20.18
C ALA A 80 15.07 7.97 -19.43
N GLY A 81 15.15 8.07 -18.13
CA GLY A 81 15.97 7.23 -17.34
C GLY A 81 15.60 5.74 -17.38
N LEU A 82 14.28 5.50 -17.43
CA LEU A 82 13.74 4.15 -17.30
C LEU A 82 13.22 3.62 -18.62
N LEU A 83 13.49 4.33 -19.73
CA LEU A 83 12.99 3.91 -21.03
C LEU A 83 13.51 2.54 -21.42
N ASP A 84 14.80 2.20 -21.17
CA ASP A 84 15.27 0.90 -21.49
C ASP A 84 14.54 -0.18 -20.63
N LEU A 85 14.28 0.15 -19.40
CA LEU A 85 13.62 -0.84 -18.52
C LEU A 85 12.14 -0.98 -18.92
N SER A 86 11.53 0.05 -19.47
CA SER A 86 10.19 -0.05 -20.04
C SER A 86 10.21 -1.01 -21.19
N GLU A 87 11.16 -0.84 -22.13
CA GLU A 87 11.29 -1.81 -23.23
CA GLU A 87 11.26 -1.80 -23.24
C GLU A 87 11.48 -3.23 -22.75
N GLN A 88 12.30 -3.45 -21.69
CA GLN A 88 12.53 -4.81 -21.22
C GLN A 88 11.24 -5.45 -20.71
N HIS A 89 10.48 -4.65 -19.97
CA HIS A 89 9.24 -5.22 -19.35
C HIS A 89 8.15 -5.39 -20.39
N ALA A 90 8.00 -4.44 -21.29
CA ALA A 90 6.94 -4.54 -22.30
C ALA A 90 7.18 -5.59 -23.40
N TYR A 91 8.43 -5.69 -23.88
CA TYR A 91 8.81 -6.45 -25.13
CA TYR A 91 8.63 -6.59 -25.05
C TYR A 91 9.50 -7.79 -24.80
N LYS A 92 10.53 -7.68 -24.01
CA LYS A 92 11.33 -8.85 -23.70
C LYS A 92 10.61 -9.78 -22.77
N LEU A 93 10.11 -9.22 -21.70
CA LEU A 93 9.44 -10.05 -20.68
C LEU A 93 7.91 -10.14 -20.83
N ARG A 94 7.33 -9.14 -21.46
CA ARG A 94 5.88 -9.02 -21.63
CA ARG A 94 5.89 -9.01 -21.62
CA ARG A 94 5.87 -9.07 -21.66
C ARG A 94 5.14 -9.12 -20.29
N VAL A 95 5.57 -8.31 -19.35
CA VAL A 95 4.88 -8.19 -18.06
C VAL A 95 3.61 -7.37 -18.26
N ASP A 96 2.48 -7.86 -17.84
CA ASP A 96 1.23 -7.07 -17.91
C ASP A 96 1.34 -5.79 -17.10
N PRO A 97 1.06 -4.65 -17.69
CA PRO A 97 1.34 -3.39 -17.02
C PRO A 97 0.42 -3.03 -15.86
N ALA A 98 -0.63 -3.80 -15.68
CA ALA A 98 -1.42 -3.68 -14.49
C ALA A 98 -0.64 -3.99 -13.21
N ASN A 99 0.48 -4.66 -13.33
CA ASN A 99 1.25 -5.09 -12.16
C ASN A 99 2.21 -4.09 -11.61
N PHE A 100 2.50 -2.99 -12.30
CA PHE A 100 3.47 -2.02 -11.76
C PHE A 100 2.95 -1.36 -10.50
N LYS A 101 1.62 -1.05 -10.50
CA LYS A 101 1.04 -0.45 -9.26
C LYS A 101 0.99 -1.46 -8.06
N ILE A 102 0.91 -2.75 -8.38
CA ILE A 102 0.87 -3.83 -7.39
C ILE A 102 2.25 -3.92 -6.75
N LEU A 103 3.31 -3.99 -7.55
CA LEU A 103 4.67 -4.14 -7.00
C LEU A 103 4.99 -2.85 -6.19
N SER A 104 4.52 -1.70 -6.67
CA SER A 104 4.71 -0.45 -5.94
C SER A 104 4.17 -0.50 -4.53
N HIS A 105 2.97 -1.01 -4.43
CA HIS A 105 2.32 -1.16 -3.12
C HIS A 105 3.08 -2.11 -2.25
N CYS A 106 3.49 -3.23 -2.78
CA CYS A 106 4.24 -4.24 -1.98
C CYS A 106 5.59 -3.65 -1.52
N ILE A 107 6.27 -2.82 -2.34
CA ILE A 107 7.52 -2.14 -1.88
C ILE A 107 7.19 -1.21 -0.69
N LEU A 108 6.09 -0.47 -0.76
CA LEU A 108 5.73 0.44 0.34
C LEU A 108 5.45 -0.39 1.62
N VAL A 109 4.77 -1.49 1.49
CA VAL A 109 4.46 -2.37 2.64
C VAL A 109 5.77 -2.85 3.28
N VAL A 110 6.69 -3.32 2.47
CA VAL A 110 8.01 -3.81 3.00
C VAL A 110 8.78 -2.70 3.72
N ILE A 111 8.84 -1.51 3.11
CA ILE A 111 9.53 -0.39 3.71
C ILE A 111 8.91 -0.03 5.03
N SER A 112 7.58 -0.01 5.08
CA SER A 112 6.88 0.27 6.32
C SER A 112 7.21 -0.76 7.40
N MET A 113 7.28 -2.04 7.05
CA MET A 113 7.60 -3.15 7.96
C MET A 113 9.02 -3.01 8.46
N MET A 114 9.95 -2.70 7.57
CA MET A 114 11.42 -2.77 7.91
C MET A 114 11.93 -1.46 8.49
N PHE A 115 11.32 -0.33 8.13
CA PHE A 115 11.80 1.00 8.52
C PHE A 115 10.63 1.88 9.03
N PRO A 116 9.89 1.40 10.05
CA PRO A 116 8.71 2.09 10.49
C PRO A 116 9.00 3.48 11.01
N LYS A 117 10.14 3.70 11.65
CA LYS A 117 10.47 5.08 12.12
C LYS A 117 10.75 6.05 10.94
N GLU A 118 11.42 5.62 9.89
CA GLU A 118 11.84 6.47 8.81
C GLU A 118 10.65 6.62 7.82
N PHE A 119 9.73 5.65 7.75
CA PHE A 119 8.59 5.69 6.79
C PHE A 119 7.39 6.48 7.36
N THR A 120 7.64 7.76 7.60
CA THR A 120 6.62 8.69 8.06
C THR A 120 5.59 8.95 6.95
N PRO A 121 4.46 9.57 7.28
CA PRO A 121 3.52 9.94 6.20
C PRO A 121 4.11 10.88 5.16
N GLU A 122 5.01 11.79 5.54
CA GLU A 122 5.71 12.62 4.54
C GLU A 122 6.63 11.82 3.67
N ALA A 123 7.35 10.88 4.27
CA ALA A 123 8.19 9.98 3.43
C ALA A 123 7.33 9.20 2.43
N HIS A 124 6.21 8.76 2.93
CA HIS A 124 5.27 7.91 2.14
C HIS A 124 4.67 8.67 1.00
N VAL A 125 4.19 9.90 1.22
CA VAL A 125 3.63 10.61 0.07
C VAL A 125 4.67 10.85 -1.02
N SER A 126 5.89 11.24 -0.64
CA SER A 126 6.90 11.48 -1.67
C SER A 126 7.28 10.18 -2.36
N LEU A 127 7.46 9.12 -1.59
CA LEU A 127 7.84 7.83 -2.20
C LEU A 127 6.70 7.30 -3.11
N ASP A 128 5.47 7.45 -2.67
CA ASP A 128 4.36 7.06 -3.51
C ASP A 128 4.26 7.85 -4.82
N LYS A 129 4.41 9.15 -4.75
CA LYS A 129 4.47 9.92 -5.98
C LYS A 129 5.60 9.42 -6.88
N PHE A 130 6.75 9.18 -6.29
CA PHE A 130 7.94 8.66 -7.02
C PHE A 130 7.60 7.35 -7.69
N LEU A 131 6.99 6.44 -6.94
CA LEU A 131 6.71 5.15 -7.55
C LEU A 131 5.59 5.20 -8.58
N SER A 132 4.67 6.13 -8.44
CA SER A 132 3.70 6.40 -9.56
C SER A 132 4.44 6.86 -10.80
N GLY A 133 5.44 7.74 -10.58
CA GLY A 133 6.33 8.19 -11.66
C GLY A 133 7.12 7.08 -12.32
N VAL A 134 7.68 6.20 -11.50
CA VAL A 134 8.40 5.03 -12.02
C VAL A 134 7.47 4.14 -12.79
N SER A 135 6.26 3.89 -12.24
CA SER A 135 5.30 2.97 -12.96
C SER A 135 4.88 3.58 -14.30
N LEU A 136 4.65 4.88 -14.36
CA LEU A 136 4.29 5.54 -15.61
C LEU A 136 5.44 5.47 -16.60
N ALA A 137 6.64 5.69 -16.13
CA ALA A 137 7.83 5.54 -17.02
C ALA A 137 7.99 4.18 -17.56
N LEU A 138 7.79 3.18 -16.70
CA LEU A 138 7.84 1.79 -17.15
C LEU A 138 6.76 1.43 -18.10
N SER A 139 5.61 2.10 -18.00
CA SER A 139 4.45 1.86 -18.88
C SER A 139 4.56 2.51 -20.24
N GLU A 140 5.59 3.37 -20.44
CA GLU A 140 5.72 4.19 -21.68
C GLU A 140 5.72 3.41 -22.96
N ARG A 141 6.45 2.27 -22.99
CA ARG A 141 6.55 1.51 -24.25
C ARG A 141 5.44 0.52 -24.59
N TYR A 142 4.44 0.41 -23.71
CA TYR A 142 3.41 -0.57 -23.88
C TYR A 142 2.41 -0.22 -24.96
N ARG A 143 2.15 1.05 -25.17
CA ARG A 143 1.29 1.45 -26.28
C ARG A 143 1.68 2.84 -26.66
N VAL B 1 -18.02 -13.66 -1.31
CA VAL B 1 -16.79 -14.08 -0.59
C VAL B 1 -17.04 -15.36 0.26
N GLU B 2 -16.08 -16.30 0.27
CA GLU B 2 -16.07 -17.43 1.28
C GLU B 2 -14.88 -17.30 2.24
N TRP B 3 -15.09 -17.64 3.51
CA TRP B 3 -14.07 -17.53 4.53
C TRP B 3 -13.83 -18.86 5.19
N THR B 4 -12.60 -19.22 5.41
CA THR B 4 -12.27 -20.45 6.13
C THR B 4 -12.15 -20.12 7.59
N ASP B 5 -12.12 -21.16 8.42
CA ASP B 5 -11.81 -20.93 9.82
C ASP B 5 -10.43 -20.25 10.10
N GLN B 6 -9.42 -20.64 9.32
CA GLN B 6 -8.09 -20.11 9.44
C GLN B 6 -8.17 -18.58 9.20
N GLU B 7 -8.85 -18.21 8.10
CA GLU B 7 -9.01 -16.77 7.80
C GLU B 7 -9.74 -16.02 8.84
N ARG B 8 -10.88 -16.55 9.33
CA ARG B 8 -11.57 -15.87 10.41
C ARG B 8 -10.66 -15.67 11.65
N ALA B 9 -9.84 -16.68 11.99
CA ALA B 9 -8.91 -16.57 13.12
C ALA B 9 -7.85 -15.49 12.96
N THR B 10 -7.31 -15.43 11.72
CA THR B 10 -6.25 -14.46 11.44
C THR B 10 -6.77 -13.03 11.63
N ILE B 11 -7.96 -12.77 11.07
CA ILE B 11 -8.55 -11.42 11.19
C ILE B 11 -8.81 -11.09 12.63
N SER B 12 -9.37 -12.05 13.36
CA SER B 12 -9.57 -11.82 14.79
C SER B 12 -8.26 -11.54 15.52
N SER B 13 -7.24 -12.31 15.22
CA SER B 13 -5.90 -12.16 15.81
C SER B 13 -5.27 -10.81 15.50
N ILE B 14 -5.30 -10.43 14.21
CA ILE B 14 -4.71 -9.13 13.84
C ILE B 14 -5.41 -8.00 14.60
N PHE B 15 -6.73 -7.93 14.48
CA PHE B 15 -7.45 -6.81 15.13
C PHE B 15 -7.38 -6.79 16.67
N GLY B 16 -7.40 -7.98 17.26
CA GLY B 16 -7.17 -8.11 18.72
C GLY B 16 -5.90 -7.51 19.22
N SER B 17 -4.87 -7.57 18.38
CA SER B 17 -3.54 -7.13 18.70
C SER B 17 -3.33 -5.64 18.55
N LEU B 18 -4.31 -4.94 17.95
CA LEU B 18 -4.14 -3.51 17.68
C LEU B 18 -4.68 -2.61 18.77
N ASP B 19 -4.02 -1.48 18.98
CA ASP B 19 -4.46 -0.41 19.87
C ASP B 19 -5.20 0.55 18.94
N TYR B 20 -6.49 0.47 18.92
CA TYR B 20 -7.29 1.33 17.96
C TYR B 20 -7.07 2.83 18.18
N ASP B 21 -6.79 3.25 19.43
CA ASP B 21 -6.55 4.64 19.68
C ASP B 21 -5.22 5.12 19.12
N ASP B 22 -4.30 4.22 18.87
CA ASP B 22 -3.06 4.57 18.17
C ASP B 22 -3.17 4.36 16.68
N ILE B 23 -3.67 3.22 16.26
CA ILE B 23 -3.68 2.83 14.84
C ILE B 23 -4.70 3.60 14.01
N GLY B 24 -5.84 3.92 14.59
CA GLY B 24 -6.85 4.65 13.85
C GLY B 24 -6.46 6.03 13.41
N PRO B 25 -5.98 6.88 14.32
CA PRO B 25 -5.52 8.20 13.93
C PRO B 25 -4.40 8.14 12.94
N LYS B 26 -3.51 7.16 13.10
CA LYS B 26 -2.38 6.98 12.18
C LYS B 26 -2.90 6.65 10.77
N ALA B 27 -3.86 5.78 10.65
CA ALA B 27 -4.31 5.38 9.31
C ALA B 27 -5.03 6.52 8.60
N LEU B 28 -5.92 7.21 9.31
CA LEU B 28 -6.67 8.30 8.60
C LEU B 28 -5.77 9.47 8.30
N SER B 29 -4.91 9.88 9.25
CA SER B 29 -4.03 10.98 8.99
C SER B 29 -3.13 10.65 7.84
N ARG B 30 -2.61 9.44 7.78
CA ARG B 30 -1.79 9.04 6.67
C ARG B 30 -2.52 9.15 5.31
N CYS B 31 -3.74 8.72 5.29
CA CYS B 31 -4.57 8.84 4.06
C CYS B 31 -4.71 10.33 3.62
N LEU B 32 -4.98 11.24 4.58
CA LEU B 32 -5.12 12.68 4.27
C LEU B 32 -3.80 13.31 3.82
N ILE B 33 -2.66 12.71 4.19
CA ILE B 33 -1.35 13.21 3.76
C ILE B 33 -0.95 12.61 2.41
N VAL B 34 -1.12 11.32 2.21
CA VAL B 34 -0.67 10.68 0.98
C VAL B 34 -1.67 10.97 -0.14
N TYR B 35 -2.95 11.12 0.15
CA TYR B 35 -4.00 11.31 -0.89
C TYR B 35 -4.76 12.56 -0.43
N PRO B 36 -4.10 13.73 -0.63
CA PRO B 36 -4.62 14.93 0.08
C PRO B 36 -5.99 15.42 -0.35
N TRP B 37 -6.58 14.92 -1.47
CA TRP B 37 -7.95 15.21 -1.80
C TRP B 37 -8.90 14.60 -0.85
N THR B 38 -8.45 13.61 -0.05
CA THR B 38 -9.32 13.04 1.00
C THR B 38 -9.50 13.95 2.22
N GLN B 39 -8.87 15.15 2.22
CA GLN B 39 -9.21 16.25 3.12
C GLN B 39 -10.56 16.87 2.86
N ARG B 40 -11.17 16.60 1.71
CA ARG B 40 -12.30 17.32 1.21
C ARG B 40 -13.36 17.51 2.27
N HIS B 41 -13.67 16.43 3.02
CA HIS B 41 -14.75 16.43 3.99
C HIS B 41 -14.30 16.63 5.44
N PHE B 42 -13.07 17.10 5.63
CA PHE B 42 -12.56 17.47 6.94
C PHE B 42 -12.07 18.93 6.83
N GLY B 43 -11.56 19.49 7.93
CA GLY B 43 -11.11 20.85 7.86
C GLY B 43 -12.16 21.89 7.48
N SER B 44 -13.44 21.67 7.89
CA SER B 44 -14.48 22.65 7.60
C SER B 44 -14.25 23.94 8.36
N PHE B 45 -13.52 23.88 9.50
CA PHE B 45 -13.23 25.05 10.32
C PHE B 45 -11.76 25.35 10.32
N GLY B 46 -10.96 24.43 10.77
CA GLY B 46 -9.47 24.64 10.75
C GLY B 46 -8.85 24.29 9.40
N ASN B 47 -7.54 24.49 9.30
CA ASN B 47 -6.80 24.17 8.09
C ASN B 47 -5.95 22.94 8.24
N LEU B 48 -5.62 22.37 7.09
CA LEU B 48 -4.87 21.10 6.99
C LEU B 48 -3.69 21.24 6.01
N TYR B 49 -2.87 22.22 6.24
CA TYR B 49 -1.87 22.68 5.29
C TYR B 49 -0.60 21.81 5.25
N ASN B 50 -0.39 21.00 6.27
CA ASN B 50 0.78 20.10 6.27
C ASN B 50 0.58 18.93 7.14
N ALA B 51 1.55 18.01 7.15
CA ALA B 51 1.40 16.80 7.91
C ALA B 51 1.19 17.00 9.39
N GLU B 52 1.93 17.94 9.93
CA GLU B 52 1.80 18.23 11.38
C GLU B 52 0.39 18.71 11.75
N ALA B 53 -0.19 19.56 10.91
CA ALA B 53 -1.57 20.06 11.12
C ALA B 53 -2.59 18.91 11.03
N ILE B 54 -2.42 18.00 10.04
CA ILE B 54 -3.36 16.87 9.86
C ILE B 54 -3.24 15.91 11.04
N ILE B 55 -2.03 15.56 11.42
CA ILE B 55 -1.81 14.66 12.57
C ILE B 55 -2.30 15.35 13.89
N GLY B 56 -2.28 16.64 13.92
CA GLY B 56 -2.77 17.37 15.10
C GLY B 56 -4.25 17.62 15.12
N ASN B 57 -4.95 17.35 14.01
CA ASN B 57 -6.33 17.65 13.91
C ASN B 57 -7.15 16.68 14.70
N GLN B 58 -7.88 17.20 15.68
CA GLN B 58 -8.67 16.34 16.57
C GLN B 58 -9.80 15.60 15.93
N LYS B 59 -10.53 16.22 15.00
CA LYS B 59 -11.60 15.55 14.35
C LYS B 59 -11.08 14.41 13.46
N VAL B 60 -9.98 14.62 12.75
CA VAL B 60 -9.40 13.53 11.93
C VAL B 60 -8.99 12.34 12.86
N ALA B 61 -8.36 12.66 13.97
CA ALA B 61 -7.92 11.60 14.93
C ALA B 61 -9.10 10.82 15.44
N ALA B 62 -10.12 11.57 15.86
CA ALA B 62 -11.34 10.90 16.37
C ALA B 62 -12.03 9.98 15.37
N HIS B 63 -12.02 10.42 14.09
CA HIS B 63 -12.64 9.66 13.05
C HIS B 63 -11.81 8.44 12.69
N GLY B 64 -10.51 8.52 12.81
CA GLY B 64 -9.71 7.30 12.53
C GLY B 64 -10.04 6.22 13.57
N ILE B 65 -10.30 6.67 14.80
CA ILE B 65 -10.72 5.75 15.85
C ILE B 65 -12.08 5.21 15.56
N LYS B 66 -13.00 6.01 15.01
CA LYS B 66 -14.28 5.50 14.64
C LYS B 66 -14.20 4.49 13.52
N VAL B 67 -13.25 4.71 12.57
CA VAL B 67 -13.10 3.73 11.47
C VAL B 67 -12.72 2.35 12.07
N LEU B 68 -11.77 2.34 13.01
CA LEU B 68 -11.31 1.05 13.56
C LEU B 68 -12.39 0.36 14.33
N HIS B 69 -13.11 1.11 15.13
CA HIS B 69 -14.31 0.54 15.79
C HIS B 69 -15.35 0.09 14.86
N GLY B 70 -15.55 0.82 13.75
CA GLY B 70 -16.41 0.35 12.70
C GLY B 70 -16.08 -0.93 12.03
N LEU B 71 -14.78 -1.25 11.93
CA LEU B 71 -14.31 -2.51 11.35
C LEU B 71 -14.61 -3.73 12.28
N ASP B 72 -14.76 -3.47 13.58
CA ASP B 72 -15.09 -4.57 14.55
C ASP B 72 -16.33 -5.34 14.25
N ARG B 73 -17.38 -4.64 13.86
CA ARG B 73 -18.58 -5.34 13.45
C ARG B 73 -18.33 -6.36 12.35
N ALA B 74 -17.48 -6.04 11.38
CA ALA B 74 -17.11 -6.97 10.30
C ALA B 74 -16.21 -8.08 10.88
N VAL B 75 -15.30 -7.74 11.79
CA VAL B 75 -14.37 -8.81 12.33
C VAL B 75 -15.17 -10.00 12.93
N LYS B 76 -16.21 -9.61 13.63
CA LYS B 76 -17.08 -10.52 14.35
C LYS B 76 -18.14 -11.18 13.46
N ASN B 77 -18.41 -10.66 12.28
CA ASN B 77 -19.47 -11.21 11.44
C ASN B 77 -19.08 -11.24 9.96
N MET B 78 -17.98 -11.95 9.66
CA MET B 78 -17.34 -11.83 8.33
C MET B 78 -18.22 -12.30 7.19
N ASP B 79 -19.25 -13.09 7.49
CA ASP B 79 -20.14 -13.54 6.39
CA ASP B 79 -20.31 -13.63 6.63
C ASP B 79 -21.36 -12.65 6.12
N ASN B 80 -21.55 -11.60 6.88
CA ASN B 80 -22.63 -10.62 6.64
C ASN B 80 -22.14 -9.20 6.40
N ILE B 81 -20.90 -9.03 5.92
CA ILE B 81 -20.33 -7.64 5.81
C ILE B 81 -21.18 -6.66 4.99
N LYS B 82 -21.64 -7.09 3.82
CA LYS B 82 -22.47 -6.20 2.96
C LYS B 82 -23.66 -5.61 3.78
N GLU B 83 -24.37 -6.49 4.49
CA GLU B 83 -25.58 -6.11 5.20
C GLU B 83 -25.32 -5.18 6.39
N ILE B 84 -24.33 -5.53 7.20
CA ILE B 84 -23.75 -4.80 8.30
C ILE B 84 -23.39 -3.32 7.97
N TYR B 85 -22.84 -3.11 6.78
CA TYR B 85 -22.37 -1.77 6.39
C TYR B 85 -23.37 -1.01 5.54
N ALA B 86 -24.56 -1.58 5.32
CA ALA B 86 -25.51 -0.90 4.42
C ALA B 86 -25.84 0.52 4.91
N GLU B 87 -26.10 0.74 6.19
CA GLU B 87 -26.43 2.10 6.71
C GLU B 87 -25.24 3.03 6.71
N LEU B 88 -24.06 2.54 7.03
CA LEU B 88 -22.89 3.42 6.95
C LEU B 88 -22.54 3.74 5.49
N SER B 89 -22.78 2.87 4.53
CA SER B 89 -22.55 3.14 3.14
C SER B 89 -23.46 4.25 2.64
N ILE B 90 -24.74 4.19 2.99
CA ILE B 90 -25.68 5.28 2.68
C ILE B 90 -25.28 6.58 3.29
N LEU B 91 -24.84 6.56 4.54
CA LEU B 91 -24.41 7.78 5.20
C LEU B 91 -23.23 8.39 4.43
N HIS B 92 -22.23 7.54 4.13
CA HIS B 92 -21.06 8.13 3.48
C HIS B 92 -21.29 8.59 2.05
N SER B 93 -22.24 8.01 1.32
CA SER B 93 -22.56 8.41 -0.06
C SER B 93 -23.57 9.54 -0.10
N GLU B 94 -24.70 9.35 0.55
CA GLU B 94 -25.84 10.31 0.44
C GLU B 94 -25.67 11.55 1.29
N LYS B 95 -25.15 11.43 2.50
CA LYS B 95 -25.00 12.59 3.34
CA LYS B 95 -24.97 12.57 3.42
C LYS B 95 -23.59 13.19 3.25
N LEU B 96 -22.53 12.37 3.22
CA LEU B 96 -21.17 12.91 3.30
C LEU B 96 -20.53 13.14 1.93
N HIS B 97 -21.02 12.46 0.91
CA HIS B 97 -20.51 12.55 -0.48
C HIS B 97 -19.06 12.10 -0.59
N VAL B 98 -18.70 11.09 0.18
CA VAL B 98 -17.39 10.51 0.06
C VAL B 98 -17.28 9.72 -1.18
N ASP B 99 -16.21 9.91 -1.97
CA ASP B 99 -16.04 9.16 -3.20
C ASP B 99 -15.76 7.71 -2.86
N PRO B 100 -16.38 6.76 -3.55
CA PRO B 100 -16.09 5.36 -3.24
C PRO B 100 -14.66 4.93 -3.42
N ASP B 101 -13.91 5.63 -4.28
CA ASP B 101 -12.51 5.38 -4.40
C ASP B 101 -11.72 5.66 -3.12
N ASN B 102 -12.21 6.61 -2.30
CA ASN B 102 -11.51 7.01 -1.08
C ASN B 102 -11.40 5.82 -0.09
N PHE B 103 -12.36 4.88 -0.13
CA PHE B 103 -12.27 3.71 0.77
C PHE B 103 -11.08 2.83 0.44
N LYS B 104 -10.77 2.70 -0.85
CA LYS B 104 -9.62 1.90 -1.28
C LYS B 104 -8.32 2.56 -0.83
N LEU B 105 -8.27 3.89 -0.90
CA LEU B 105 -7.08 4.61 -0.48
C LEU B 105 -6.85 4.48 1.02
N LEU B 106 -7.90 4.59 1.81
CA LEU B 106 -7.79 4.43 3.24
C LEU B 106 -7.37 2.99 3.57
N ALA B 107 -7.95 2.02 2.88
CA ALA B 107 -7.58 0.59 3.11
C ALA B 107 -6.07 0.41 2.90
N ASP B 108 -5.49 0.98 1.84
CA ASP B 108 -4.06 0.89 1.62
C ASP B 108 -3.26 1.51 2.75
N CYS B 109 -3.68 2.69 3.23
CA CYS B 109 -2.98 3.36 4.31
C CYS B 109 -3.08 2.48 5.58
N LEU B 110 -4.27 1.88 5.84
CA LEU B 110 -4.44 1.01 7.00
C LEU B 110 -3.51 -0.21 6.87
N THR B 111 -3.42 -0.81 5.71
CA THR B 111 -2.48 -1.89 5.54
C THR B 111 -1.03 -1.51 5.81
N ILE B 112 -0.64 -0.32 5.38
CA ILE B 112 0.75 0.17 5.60
C ILE B 112 1.01 0.46 7.08
N VAL B 113 0.01 0.96 7.80
CA VAL B 113 0.12 1.22 9.25
C VAL B 113 0.14 -0.13 10.05
N VAL B 114 -0.73 -1.07 9.69
CA VAL B 114 -0.75 -2.40 10.35
C VAL B 114 0.57 -3.18 10.08
N ALA B 115 1.10 -3.07 8.87
CA ALA B 115 2.40 -3.71 8.51
C ALA B 115 3.53 -3.13 9.40
N ALA B 116 3.56 -1.81 9.60
CA ALA B 116 4.58 -1.16 10.47
C ALA B 116 4.45 -1.69 11.90
N LYS B 117 3.21 -1.88 12.36
CA LYS B 117 2.98 -2.38 13.74
C LYS B 117 3.38 -3.85 13.89
N MET B 118 2.97 -4.73 12.98
CA MET B 118 3.27 -6.16 13.05
C MET B 118 4.69 -6.52 12.68
N GLY B 119 5.38 -5.68 11.93
CA GLY B 119 6.76 -5.98 11.52
C GLY B 119 6.77 -7.30 10.72
N SER B 120 7.82 -8.10 10.91
CA SER B 120 7.99 -9.34 10.15
C SER B 120 6.86 -10.35 10.27
N GLY B 121 6.05 -10.23 11.30
CA GLY B 121 4.84 -11.05 11.46
C GLY B 121 3.83 -10.83 10.33
N PHE B 122 3.91 -9.68 9.65
CA PHE B 122 3.00 -9.35 8.53
C PHE B 122 3.57 -10.02 7.33
N ASN B 123 3.55 -11.38 7.31
CA ASN B 123 4.09 -12.10 6.19
C ASN B 123 3.12 -12.16 5.01
N PRO B 124 3.53 -12.78 3.86
CA PRO B 124 2.66 -12.76 2.68
C PRO B 124 1.25 -13.30 2.92
N GLY B 125 1.12 -14.42 3.60
CA GLY B 125 -0.19 -14.90 3.88
C GLY B 125 -1.09 -14.02 4.78
N THR B 126 -0.47 -13.37 5.76
CA THR B 126 -1.11 -12.48 6.63
C THR B 126 -1.63 -11.24 5.82
N GLN B 127 -0.77 -10.72 4.98
CA GLN B 127 -1.16 -9.59 4.12
C GLN B 127 -2.32 -10.03 3.22
N ALA B 128 -2.24 -11.23 2.65
CA ALA B 128 -3.29 -11.71 1.76
C ALA B 128 -4.65 -11.71 2.47
N THR B 129 -4.69 -12.30 3.68
CA THR B 129 -5.99 -12.32 4.40
C THR B 129 -6.47 -10.98 4.85
N PHE B 130 -5.57 -10.17 5.36
CA PHE B 130 -5.89 -8.84 5.78
C PHE B 130 -6.46 -7.97 4.63
N GLN B 131 -5.81 -8.07 3.48
CA GLN B 131 -6.26 -7.24 2.33
C GLN B 131 -7.57 -7.78 1.78
N LYS B 132 -7.80 -9.10 1.83
CA LYS B 132 -9.04 -9.68 1.39
C LYS B 132 -10.16 -9.14 2.26
N PHE B 133 -9.95 -9.16 3.55
CA PHE B 133 -10.95 -8.62 4.47
C PHE B 133 -11.28 -7.15 4.21
N LEU B 134 -10.22 -6.34 4.04
CA LEU B 134 -10.48 -4.90 3.77
C LEU B 134 -11.23 -4.73 2.43
N ALA B 135 -10.85 -5.51 1.44
CA ALA B 135 -11.50 -5.44 0.17
C ALA B 135 -13.00 -5.72 0.22
N VAL B 136 -13.41 -6.68 1.02
CA VAL B 136 -14.80 -6.95 1.22
C VAL B 136 -15.51 -5.79 1.88
N VAL B 137 -14.90 -5.21 2.92
CA VAL B 137 -15.45 -4.04 3.59
C VAL B 137 -15.57 -2.83 2.62
N VAL B 138 -14.50 -2.57 1.89
CA VAL B 138 -14.45 -1.45 0.88
C VAL B 138 -15.61 -1.67 -0.13
N SER B 139 -15.84 -2.90 -0.58
CA SER B 139 -16.90 -3.18 -1.53
C SER B 139 -18.31 -2.89 -0.96
N ALA B 140 -18.53 -3.27 0.30
CA ALA B 140 -19.75 -2.94 0.99
C ALA B 140 -19.93 -1.45 1.21
N LEU B 141 -18.89 -0.72 1.61
CA LEU B 141 -19.01 0.70 1.85
C LEU B 141 -19.18 1.54 0.58
N GLY B 142 -18.49 1.17 -0.48
CA GLY B 142 -18.46 1.92 -1.73
C GLY B 142 -19.71 1.80 -2.61
N LYS B 143 -20.66 0.92 -2.29
CA LYS B 143 -22.07 1.01 -2.83
C LYS B 143 -22.73 2.44 -2.68
N GLN B 144 -23.38 2.92 -3.76
CA GLN B 144 -23.95 4.28 -3.77
C GLN B 144 -25.46 4.30 -3.43
#